data_7JVG
#
_entry.id   7JVG
#
_cell.length_a   57.889
_cell.length_b   67.430
_cell.length_c   88.919
_cell.angle_alpha   90.000
_cell.angle_beta   90.000
_cell.angle_gamma   90.000
#
_symmetry.space_group_name_H-M   'P 21 21 21'
#
loop_
_entity.id
_entity.type
_entity.pdbx_description
1 polymer 'Retinol-binding protein 2'
2 non-polymer '(2S)-2,3-dihydroxypropyl (5Z,8Z,11Z,14Z)-icosa-5,8,11,14-tetraenoate'
3 water water
#
_entity_poly.entity_id   1
_entity_poly.type   'polypeptide(L)'
_entity_poly.pdbx_seq_one_letter_code
;MTRDQNGTWEMESNENFEGYMKALDIDFATRKIAVRLTQTKVIDQDGDNFKTKTTSTFRNYDVDFTVGVEFDEYTKSLDN
RHVKALVTWEGDVLVCVQKGEKENRGWKQWIEGDKLYLELTCGDQVCRQVFKKKLVPR
;
_entity_poly.pdbx_strand_id   A,B
#
loop_
_chem_comp.id
_chem_comp.type
_chem_comp.name
_chem_comp.formula
1AG non-polymer '(2S)-2,3-dihydroxypropyl (5Z,8Z,11Z,14Z)-icosa-5,8,11,14-tetraenoate' 'C23 H38 O4'
#
# COMPACT_ATOMS: atom_id res chain seq x y z
N MET A 1 5.50 0.86 -36.65
CA MET A 1 4.13 0.47 -36.22
C MET A 1 4.25 -0.74 -35.30
N THR A 2 4.47 -0.47 -34.02
CA THR A 2 4.65 -1.52 -33.02
C THR A 2 3.75 -1.25 -31.82
N ARG A 3 2.56 -0.68 -32.06
CA ARG A 3 1.62 -0.46 -30.97
C ARG A 3 0.83 -1.69 -30.59
N ASP A 4 0.89 -2.77 -31.38
CA ASP A 4 0.11 -3.96 -31.09
C ASP A 4 0.84 -4.78 -30.04
N GLN A 5 0.29 -4.78 -28.82
CA GLN A 5 0.87 -5.47 -27.67
C GLN A 5 0.10 -6.74 -27.32
N ASN A 6 -0.82 -7.16 -28.19
CA ASN A 6 -1.61 -8.34 -27.90
C ASN A 6 -0.69 -9.52 -27.63
N GLY A 7 -1.06 -10.31 -26.65
CA GLY A 7 -0.46 -11.61 -26.45
C GLY A 7 -0.42 -11.98 -24.98
N THR A 8 0.18 -13.14 -24.73
CA THR A 8 0.48 -13.64 -23.40
C THR A 8 1.99 -13.57 -23.25
N TRP A 9 2.43 -12.91 -22.18
CA TRP A 9 3.82 -12.51 -22.02
C TRP A 9 4.31 -13.05 -20.69
N GLU A 10 5.49 -13.67 -20.69
CA GLU A 10 6.03 -14.29 -19.49
C GLU A 10 7.28 -13.55 -19.07
N MET A 11 7.36 -13.22 -17.78
CA MET A 11 8.46 -12.41 -17.27
C MET A 11 9.77 -13.16 -17.35
N GLU A 12 10.80 -12.48 -17.84
CA GLU A 12 12.16 -13.04 -17.81
C GLU A 12 13.11 -12.25 -16.94
N SER A 13 12.79 -11.01 -16.60
CA SER A 13 13.62 -10.26 -15.67
C SER A 13 12.76 -9.20 -14.99
N ASN A 14 13.21 -8.79 -13.81
CA ASN A 14 12.42 -7.93 -12.93
C ASN A 14 13.33 -7.12 -12.03
N GLU A 15 13.97 -6.12 -12.61
CA GLU A 15 15.03 -5.37 -11.97
C GLU A 15 14.48 -4.30 -11.03
N ASN A 16 14.94 -4.33 -9.79
CA ASN A 16 14.59 -3.35 -8.78
C ASN A 16 13.11 -3.35 -8.42
N PHE A 17 12.46 -4.50 -8.54
CA PHE A 17 11.10 -4.65 -8.03
C PHE A 17 11.07 -4.42 -6.53
N GLU A 18 12.15 -4.78 -5.83
CA GLU A 18 12.20 -4.58 -4.39
C GLU A 18 12.13 -3.09 -4.05
N GLY A 19 12.91 -2.27 -4.77
CA GLY A 19 12.93 -0.85 -4.49
C GLY A 19 11.62 -0.17 -4.85
N TYR A 20 11.03 -0.55 -5.97
CA TYR A 20 9.73 -0.02 -6.36
C TYR A 20 8.68 -0.33 -5.30
N MET A 21 8.65 -1.57 -4.81
CA MET A 21 7.67 -1.93 -3.79
C MET A 21 7.95 -1.15 -2.50
N LYS A 22 9.22 -0.98 -2.11
CA LYS A 22 9.50 -0.22 -0.91
C LYS A 22 9.03 1.22 -1.05
N ALA A 23 9.18 1.80 -2.24
CA ALA A 23 8.71 3.15 -2.48
C ALA A 23 7.20 3.25 -2.38
N LEU A 24 6.47 2.18 -2.65
CA LEU A 24 5.04 2.12 -2.48
C LEU A 24 4.59 1.76 -1.07
N ASP A 25 5.54 1.59 -0.15
CA ASP A 25 5.27 1.28 1.24
C ASP A 25 4.73 -0.12 1.46
N ILE A 26 5.04 -1.05 0.54
CA ILE A 26 4.68 -2.44 0.76
C ILE A 26 5.49 -2.99 1.92
N ASP A 27 4.83 -3.68 2.84
CA ASP A 27 5.53 -4.17 4.02
C ASP A 27 6.51 -5.29 3.65
N PHE A 28 7.46 -5.54 4.56
CA PHE A 28 8.56 -6.48 4.31
C PHE A 28 8.05 -7.87 3.98
N ALA A 29 7.07 -8.35 4.74
CA ALA A 29 6.59 -9.71 4.56
C ALA A 29 5.98 -9.89 3.18
N THR A 30 5.21 -8.90 2.72
CA THR A 30 4.64 -8.98 1.39
C THR A 30 5.74 -8.89 0.34
N ARG A 31 6.71 -8.01 0.52
CA ARG A 31 7.81 -7.94 -0.43
C ARG A 31 8.56 -9.26 -0.52
N LYS A 32 8.71 -9.96 0.62
CA LYS A 32 9.51 -11.18 0.64
CA LYS A 32 9.51 -11.19 0.64
C LYS A 32 8.94 -12.24 -0.30
N ILE A 33 7.61 -12.31 -0.37
CA ILE A 33 6.93 -13.25 -1.28
C ILE A 33 6.95 -12.70 -2.69
N ALA A 34 6.57 -11.45 -2.86
CA ALA A 34 6.32 -10.93 -4.20
C ALA A 34 7.58 -10.85 -5.03
N VAL A 35 8.73 -10.59 -4.41
CA VAL A 35 9.95 -10.44 -5.18
C VAL A 35 10.38 -11.76 -5.82
N ARG A 36 9.90 -12.88 -5.29
CA ARG A 36 10.28 -14.23 -5.75
C ARG A 36 9.59 -14.62 -7.05
N LEU A 37 8.53 -13.93 -7.44
CA LEU A 37 7.55 -14.51 -8.35
C LEU A 37 7.78 -14.14 -9.79
N THR A 38 7.50 -15.10 -10.69
CA THR A 38 7.42 -14.85 -12.12
C THR A 38 6.02 -14.38 -12.48
N GLN A 39 5.91 -13.23 -13.11
CA GLN A 39 4.62 -12.72 -13.52
C GLN A 39 4.31 -13.08 -14.96
N THR A 40 3.03 -13.24 -15.24
CA THR A 40 2.51 -13.40 -16.60
C THR A 40 1.56 -12.25 -16.88
N LYS A 41 1.59 -11.77 -18.11
CA LYS A 41 0.75 -10.65 -18.48
C LYS A 41 0.01 -11.02 -19.75
N VAL A 42 -1.32 -10.93 -19.71
CA VAL A 42 -2.16 -11.17 -20.87
C VAL A 42 -2.73 -9.83 -21.27
N ILE A 43 -2.48 -9.44 -22.52
CA ILE A 43 -2.96 -8.18 -23.07
C ILE A 43 -3.93 -8.52 -24.18
N ASP A 44 -5.16 -8.05 -24.06
CA ASP A 44 -6.22 -8.10 -25.07
C ASP A 44 -6.45 -6.68 -25.54
N GLN A 45 -6.01 -6.37 -26.75
CA GLN A 45 -5.99 -5.01 -27.25
C GLN A 45 -6.76 -4.92 -28.56
N ASP A 46 -7.68 -3.97 -28.63
CA ASP A 46 -8.44 -3.63 -29.84
C ASP A 46 -8.16 -2.15 -30.11
N GLY A 47 -7.17 -1.87 -30.94
CA GLY A 47 -6.82 -0.48 -31.19
C GLY A 47 -6.32 0.19 -29.91
N ASP A 48 -7.05 1.20 -29.46
CA ASP A 48 -6.70 1.93 -28.24
C ASP A 48 -7.39 1.38 -27.01
N ASN A 49 -8.17 0.32 -27.13
CA ASN A 49 -8.83 -0.31 -26.00
C ASN A 49 -8.03 -1.50 -25.49
N PHE A 50 -7.66 -1.44 -24.22
CA PHE A 50 -6.82 -2.45 -23.61
C PHE A 50 -7.55 -3.12 -22.46
N LYS A 51 -7.44 -4.43 -22.38
CA LYS A 51 -7.79 -5.20 -21.20
C LYS A 51 -6.55 -5.99 -20.84
N THR A 52 -6.02 -5.76 -19.64
CA THR A 52 -4.77 -6.40 -19.23
C THR A 52 -4.99 -7.18 -17.94
N LYS A 53 -4.35 -8.32 -17.85
CA LYS A 53 -4.41 -9.16 -16.66
C LYS A 53 -2.99 -9.60 -16.35
N THR A 54 -2.50 -9.24 -15.18
CA THR A 54 -1.17 -9.64 -14.74
C THR A 54 -1.35 -10.62 -13.60
N THR A 55 -0.71 -11.79 -13.71
CA THR A 55 -0.96 -12.86 -12.77
C THR A 55 0.33 -13.41 -12.17
N SER A 56 0.15 -13.99 -11.00
CA SER A 56 1.21 -14.69 -10.28
C SER A 56 0.51 -15.65 -9.33
N THR A 57 1.29 -16.52 -8.71
CA THR A 57 0.73 -17.47 -7.74
C THR A 57 0.24 -16.80 -6.47
N PHE A 58 0.60 -15.55 -6.23
CA PHE A 58 0.35 -14.85 -4.98
C PHE A 58 -0.74 -13.80 -5.11
N ARG A 59 -0.72 -13.00 -6.17
CA ARG A 59 -1.70 -11.96 -6.39
C ARG A 59 -1.89 -11.81 -7.90
N ASN A 60 -3.06 -11.32 -8.28
CA ASN A 60 -3.34 -10.97 -9.67
C ASN A 60 -3.83 -9.55 -9.72
N TYR A 61 -3.65 -8.91 -10.87
CA TYR A 61 -4.05 -7.51 -11.01
C TYR A 61 -4.55 -7.27 -12.43
N ASP A 62 -5.78 -6.81 -12.55
CA ASP A 62 -6.39 -6.51 -13.83
C ASP A 62 -6.56 -5.00 -13.96
N VAL A 63 -6.25 -4.47 -15.13
CA VAL A 63 -6.53 -3.06 -15.43
C VAL A 63 -6.91 -2.93 -16.89
N ASP A 64 -8.02 -2.25 -17.14
CA ASP A 64 -8.57 -2.01 -18.46
C ASP A 64 -8.61 -0.50 -18.67
N PHE A 65 -8.35 -0.05 -19.89
CA PHE A 65 -8.33 1.37 -20.16
C PHE A 65 -8.42 1.58 -21.66
N THR A 66 -8.81 2.81 -22.01
CA THR A 66 -8.69 3.29 -23.38
C THR A 66 -7.63 4.37 -23.40
N VAL A 67 -6.70 4.28 -24.35
CA VAL A 67 -5.67 5.30 -24.45
C VAL A 67 -6.35 6.64 -24.64
N GLY A 68 -5.91 7.62 -23.85
CA GLY A 68 -6.42 8.97 -23.94
C GLY A 68 -7.59 9.27 -23.03
N VAL A 69 -8.09 8.30 -22.30
CA VAL A 69 -9.28 8.48 -21.46
C VAL A 69 -8.88 8.29 -20.00
N GLU A 70 -8.89 9.37 -19.22
CA GLU A 70 -8.55 9.24 -17.80
C GLU A 70 -9.54 8.33 -17.09
N PHE A 71 -9.04 7.59 -16.11
CA PHE A 71 -9.87 6.64 -15.40
C PHE A 71 -9.43 6.59 -13.95
N ASP A 72 -10.34 6.18 -13.09
CA ASP A 72 -10.04 5.93 -11.69
C ASP A 72 -9.44 4.53 -11.58
N GLU A 73 -8.27 4.43 -10.96
CA GLU A 73 -7.60 3.16 -10.77
C GLU A 73 -7.42 2.93 -9.28
N TYR A 74 -7.88 1.78 -8.82
CA TYR A 74 -7.67 1.31 -7.45
C TYR A 74 -6.75 0.10 -7.54
N THR A 75 -5.55 0.21 -6.96
CA THR A 75 -4.52 -0.81 -7.11
C THR A 75 -4.72 -1.93 -6.10
N LYS A 76 -5.90 -2.53 -6.17
CA LYS A 76 -6.34 -3.56 -5.25
C LYS A 76 -5.37 -4.74 -5.24
N SER A 77 -4.98 -5.13 -4.03
N SER A 77 -4.97 -5.15 -4.03
CA SER A 77 -4.09 -6.23 -3.70
CA SER A 77 -4.07 -6.28 -3.81
C SER A 77 -2.63 -5.89 -3.97
C SER A 77 -2.62 -5.97 -4.20
N LEU A 78 -2.32 -4.72 -4.53
CA LEU A 78 -0.95 -4.26 -4.71
C LEU A 78 -0.65 -3.35 -3.53
N ASP A 79 -0.61 -2.04 -3.75
CA ASP A 79 -0.51 -1.11 -2.62
C ASP A 79 -1.86 -0.57 -2.17
N ASN A 80 -2.94 -0.92 -2.84
CA ASN A 80 -4.30 -0.55 -2.44
C ASN A 80 -4.50 0.96 -2.32
N ARG A 81 -4.09 1.68 -3.34
CA ARG A 81 -4.27 3.12 -3.42
C ARG A 81 -5.19 3.47 -4.59
N HIS A 82 -5.83 4.63 -4.44
CA HIS A 82 -6.65 5.22 -5.48
C HIS A 82 -5.84 6.29 -6.18
N VAL A 83 -5.77 6.21 -7.50
CA VAL A 83 -5.13 7.21 -8.33
C VAL A 83 -6.05 7.57 -9.49
N LYS A 84 -5.78 8.72 -10.11
CA LYS A 84 -6.31 9.05 -11.41
C LYS A 84 -5.24 8.66 -12.40
N ALA A 85 -5.60 7.83 -13.36
CA ALA A 85 -4.65 7.29 -14.31
C ALA A 85 -5.00 7.76 -15.72
N LEU A 86 -3.97 8.08 -16.49
CA LEU A 86 -4.15 8.43 -17.89
C LEU A 86 -3.05 7.72 -18.66
N VAL A 87 -3.45 6.96 -19.67
CA VAL A 87 -2.50 6.32 -20.59
C VAL A 87 -2.55 7.07 -21.90
N THR A 88 -1.38 7.39 -22.43
CA THR A 88 -1.22 8.05 -23.72
C THR A 88 -0.16 7.34 -24.53
N TRP A 89 -0.15 7.60 -25.83
CA TRP A 89 0.93 7.12 -26.68
C TRP A 89 1.99 8.21 -26.77
N GLU A 90 3.26 7.83 -26.58
CA GLU A 90 4.40 8.66 -26.95
C GLU A 90 5.13 7.85 -28.02
N GLY A 91 4.87 8.18 -29.29
CA GLY A 91 5.31 7.29 -30.34
C GLY A 91 4.56 5.98 -30.21
N ASP A 92 5.29 4.86 -30.11
CA ASP A 92 4.65 3.57 -29.91
C ASP A 92 4.84 3.05 -28.48
N VAL A 93 5.16 3.94 -27.55
CA VAL A 93 5.30 3.60 -26.13
C VAL A 93 4.02 4.00 -25.43
N LEU A 94 3.44 3.09 -24.66
CA LEU A 94 2.32 3.42 -23.81
C LEU A 94 2.85 4.05 -22.54
N VAL A 95 2.33 5.22 -22.19
CA VAL A 95 2.81 5.96 -21.04
C VAL A 95 1.63 6.21 -20.12
N CYS A 96 1.76 5.80 -18.88
CA CYS A 96 0.71 5.98 -17.89
C CYS A 96 1.21 6.86 -16.77
N VAL A 97 0.43 7.90 -16.47
CA VAL A 97 0.64 8.72 -15.28
C VAL A 97 -0.44 8.36 -14.29
N GLN A 98 -0.03 8.02 -13.08
CA GLN A 98 -0.93 7.67 -11.97
C GLN A 98 -0.84 8.79 -10.93
N LYS A 99 -1.75 9.76 -11.01
CA LYS A 99 -1.69 10.92 -10.15
C LYS A 99 -2.40 10.60 -8.84
N GLY A 100 -1.70 10.81 -7.74
CA GLY A 100 -2.25 10.53 -6.43
C GLY A 100 -1.25 10.91 -5.37
N GLU A 101 -1.24 10.16 -4.28
CA GLU A 101 -0.44 10.56 -3.14
C GLU A 101 1.05 10.35 -3.36
N LYS A 102 1.43 9.37 -4.19
CA LYS A 102 2.85 9.16 -4.47
C LYS A 102 3.30 10.04 -5.62
N GLU A 103 4.38 10.77 -5.41
CA GLU A 103 4.94 11.59 -6.45
C GLU A 103 5.61 10.72 -7.52
N ASN A 104 5.52 11.19 -8.76
CA ASN A 104 6.25 10.61 -9.88
C ASN A 104 5.94 9.13 -10.03
N ARG A 105 4.65 8.81 -10.08
CA ARG A 105 4.18 7.44 -10.17
C ARG A 105 3.59 7.20 -11.54
N GLY A 106 4.06 6.14 -12.20
CA GLY A 106 3.49 5.79 -13.47
C GLY A 106 4.19 4.58 -14.04
N TRP A 107 3.96 4.35 -15.32
CA TRP A 107 4.62 3.25 -15.98
C TRP A 107 4.69 3.52 -17.47
N LYS A 108 5.57 2.80 -18.16
CA LYS A 108 5.71 2.87 -19.60
C LYS A 108 5.87 1.45 -20.10
N GLN A 109 5.20 1.14 -21.20
CA GLN A 109 5.16 -0.23 -21.71
C GLN A 109 5.27 -0.19 -23.22
N TRP A 110 6.18 -0.99 -23.76
CA TRP A 110 6.37 -0.98 -25.20
C TRP A 110 6.95 -2.29 -25.68
N ILE A 111 6.79 -2.49 -26.98
CA ILE A 111 7.28 -3.65 -27.70
C ILE A 111 8.63 -3.27 -28.31
N GLU A 112 9.60 -4.16 -28.19
CA GLU A 112 10.88 -3.98 -28.88
C GLU A 112 11.34 -5.37 -29.27
N GLY A 113 11.43 -5.61 -30.57
CA GLY A 113 11.72 -6.96 -31.01
C GLY A 113 10.59 -7.90 -30.66
N ASP A 114 10.93 -9.04 -30.06
CA ASP A 114 9.95 -10.01 -29.59
C ASP A 114 9.71 -9.91 -28.09
N LYS A 115 10.03 -8.77 -27.49
CA LYS A 115 9.93 -8.57 -26.05
C LYS A 115 8.96 -7.45 -25.74
N LEU A 116 8.34 -7.56 -24.57
CA LEU A 116 7.54 -6.49 -24.00
C LEU A 116 8.31 -5.95 -22.82
N TYR A 117 8.49 -4.64 -22.80
CA TYR A 117 9.20 -3.96 -21.74
C TYR A 117 8.19 -3.15 -20.93
N LEU A 118 8.31 -3.25 -19.61
CA LEU A 118 7.49 -2.45 -18.70
C LEU A 118 8.38 -1.83 -17.65
N GLU A 119 8.36 -0.50 -17.58
N GLU A 119 8.41 -0.50 -17.60
CA GLU A 119 9.12 0.29 -16.63
CA GLU A 119 9.16 0.23 -16.58
C GLU A 119 8.12 0.92 -15.67
C GLU A 119 8.15 0.91 -15.67
N LEU A 120 8.18 0.55 -14.39
CA LEU A 120 7.30 1.10 -13.37
C LEU A 120 8.10 2.06 -12.50
N THR A 121 7.55 3.25 -12.28
N THR A 121 7.55 3.23 -12.26
CA THR A 121 8.22 4.28 -11.50
CA THR A 121 8.23 4.27 -11.49
C THR A 121 7.37 4.68 -10.31
C THR A 121 7.37 4.70 -10.32
N CYS A 122 8.02 4.89 -9.18
CA CYS A 122 7.40 5.51 -8.02
C CYS A 122 8.51 6.30 -7.34
N GLY A 123 8.37 7.61 -7.31
CA GLY A 123 9.40 8.43 -6.68
C GLY A 123 10.72 8.29 -7.40
N ASP A 124 11.78 7.98 -6.66
CA ASP A 124 13.10 7.81 -7.27
C ASP A 124 13.41 6.35 -7.62
N GLN A 125 12.41 5.48 -7.64
CA GLN A 125 12.63 4.06 -7.88
C GLN A 125 11.99 3.66 -9.20
N VAL A 126 12.78 2.99 -10.01
CA VAL A 126 12.31 2.47 -11.29
C VAL A 126 12.53 0.97 -11.28
N CYS A 127 11.50 0.22 -11.63
CA CYS A 127 11.58 -1.21 -11.80
C CYS A 127 11.45 -1.48 -13.29
N ARG A 128 12.35 -2.31 -13.82
N ARG A 128 12.37 -2.27 -13.83
CA ARG A 128 12.40 -2.59 -15.24
CA ARG A 128 12.39 -2.58 -15.25
C ARG A 128 12.12 -4.07 -15.44
C ARG A 128 12.09 -4.07 -15.40
N GLN A 129 10.99 -4.37 -16.08
CA GLN A 129 10.58 -5.74 -16.35
C GLN A 129 10.70 -6.00 -17.84
N VAL A 130 11.10 -7.22 -18.16
CA VAL A 130 11.13 -7.69 -19.53
C VAL A 130 10.35 -8.98 -19.63
N PHE A 131 9.51 -9.09 -20.65
CA PHE A 131 8.68 -10.26 -20.86
C PHE A 131 8.90 -10.83 -22.26
N LYS A 132 8.83 -12.14 -22.36
N LYS A 132 8.84 -12.14 -22.36
CA LYS A 132 8.95 -12.83 -23.63
CA LYS A 132 8.95 -12.84 -23.63
C LYS A 132 7.59 -13.41 -24.01
C LYS A 132 7.57 -13.38 -24.01
N LYS A 133 7.28 -13.40 -25.30
CA LYS A 133 5.99 -13.87 -25.75
C LYS A 133 5.89 -15.38 -25.53
N LYS A 134 4.73 -15.81 -25.08
CA LYS A 134 4.45 -17.25 -24.97
C LYS A 134 4.03 -17.76 -26.35
N MET B 1 15.22 -3.65 10.20
CA MET B 1 13.95 -4.12 10.80
C MET B 1 14.21 -4.69 12.20
N THR B 2 13.34 -4.32 13.13
CA THR B 2 13.39 -4.87 14.48
C THR B 2 11.97 -5.06 14.97
N ARG B 3 11.78 -6.05 15.85
CA ARG B 3 10.51 -6.20 16.54
C ARG B 3 10.37 -5.27 17.73
N ASP B 4 11.43 -4.58 18.13
CA ASP B 4 11.39 -3.72 19.30
C ASP B 4 10.79 -2.38 18.93
N GLN B 5 9.54 -2.17 19.34
CA GLN B 5 8.81 -0.95 19.04
C GLN B 5 8.72 -0.03 20.23
N ASN B 6 9.43 -0.32 21.31
CA ASN B 6 9.39 0.53 22.49
C ASN B 6 9.80 1.94 22.13
N GLY B 7 9.09 2.90 22.69
CA GLY B 7 9.52 4.27 22.65
C GLY B 7 8.34 5.21 22.51
N THR B 8 8.69 6.46 22.32
CA THR B 8 7.76 7.53 22.01
C THR B 8 8.03 7.96 20.59
N TRP B 9 6.99 7.97 19.78
CA TRP B 9 7.13 8.17 18.34
C TRP B 9 6.22 9.30 17.91
N GLU B 10 6.75 10.26 17.17
CA GLU B 10 6.00 11.47 16.79
C GLU B 10 5.73 11.51 15.30
N MET B 11 4.49 11.78 14.93
CA MET B 11 4.11 11.68 13.53
C MET B 11 4.85 12.68 12.67
N GLU B 12 5.35 12.21 11.53
CA GLU B 12 5.88 13.11 10.54
C GLU B 12 5.13 13.12 9.23
N SER B 13 4.32 12.11 8.95
CA SER B 13 3.47 12.15 7.77
C SER B 13 2.23 11.27 7.97
N ASN B 14 1.19 11.59 7.19
CA ASN B 14 -0.15 11.02 7.39
C ASN B 14 -0.87 11.09 6.04
N GLU B 15 -0.78 10.02 5.28
CA GLU B 15 -1.35 9.94 3.94
C GLU B 15 -2.70 9.26 3.99
N ASN B 16 -3.71 9.94 3.43
CA ASN B 16 -5.05 9.38 3.28
C ASN B 16 -5.70 9.05 4.62
N PHE B 17 -5.36 9.80 5.67
CA PHE B 17 -6.10 9.61 6.91
C PHE B 17 -7.57 9.96 6.72
N GLU B 18 -7.86 10.94 5.86
CA GLU B 18 -9.26 11.29 5.62
C GLU B 18 -10.01 10.16 4.96
N GLY B 19 -9.38 9.43 4.03
CA GLY B 19 -10.07 8.31 3.41
C GLY B 19 -10.35 7.19 4.41
N TYR B 20 -9.37 6.88 5.24
CA TYR B 20 -9.57 5.88 6.28
C TYR B 20 -10.70 6.29 7.22
N MET B 21 -10.71 7.56 7.66
CA MET B 21 -11.76 8.00 8.56
C MET B 21 -13.12 7.96 7.88
N LYS B 22 -13.18 8.34 6.60
CA LYS B 22 -14.46 8.30 5.91
C LYS B 22 -14.96 6.87 5.78
N ALA B 23 -14.05 5.91 5.58
CA ALA B 23 -14.42 4.51 5.52
C ALA B 23 -14.99 4.02 6.84
N LEU B 24 -14.58 4.60 7.95
CA LEU B 24 -15.12 4.28 9.26
C LEU B 24 -16.36 5.10 9.60
N ASP B 25 -16.81 5.95 8.69
CA ASP B 25 -18.01 6.77 8.86
C ASP B 25 -17.81 7.89 9.86
N ILE B 26 -16.58 8.33 10.09
CA ILE B 26 -16.34 9.50 10.93
C ILE B 26 -16.94 10.70 10.22
N ASP B 27 -17.69 11.51 10.96
CA ASP B 27 -18.38 12.62 10.30
C ASP B 27 -17.41 13.72 9.84
N PHE B 28 -17.92 14.54 8.92
CA PHE B 28 -17.09 15.55 8.27
C PHE B 28 -16.48 16.52 9.28
N ALA B 29 -17.28 16.96 10.25
CA ALA B 29 -16.76 17.94 11.20
C ALA B 29 -15.58 17.38 11.96
N THR B 30 -15.65 16.11 12.33
CA THR B 30 -14.53 15.47 13.02
C THR B 30 -13.34 15.29 12.08
N ARG B 31 -13.59 14.83 10.86
CA ARG B 31 -12.47 14.62 9.91
C ARG B 31 -11.73 15.91 9.65
N LYS B 32 -12.46 17.03 9.56
CA LYS B 32 -11.85 18.30 9.21
C LYS B 32 -10.84 18.75 10.26
N ILE B 33 -11.11 18.45 11.52
CA ILE B 33 -10.17 18.72 12.59
C ILE B 33 -9.07 17.67 12.61
N ALA B 34 -9.48 16.40 12.54
CA ALA B 34 -8.56 15.30 12.78
C ALA B 34 -7.47 15.18 11.72
N VAL B 35 -7.75 15.57 10.47
CA VAL B 35 -6.76 15.37 9.42
C VAL B 35 -5.51 16.20 9.64
N ARG B 36 -5.62 17.32 10.36
CA ARG B 36 -4.47 18.20 10.53
CA ARG B 36 -4.51 18.23 10.57
C ARG B 36 -3.68 17.90 11.80
N LEU B 37 -4.09 16.94 12.60
CA LEU B 37 -3.45 16.73 13.89
C LEU B 37 -2.17 15.91 13.80
N THR B 38 -1.21 16.24 14.67
N THR B 38 -1.15 16.35 14.52
CA THR B 38 0.03 15.48 14.82
CA THR B 38 -0.08 15.39 14.73
C THR B 38 -0.12 14.48 15.98
C THR B 38 -0.58 14.36 15.73
N GLN B 39 0.00 13.18 15.66
CA GLN B 39 -0.26 12.13 16.62
C GLN B 39 1.07 11.69 17.22
N THR B 40 1.01 11.24 18.45
CA THR B 40 2.15 10.66 19.13
C THR B 40 1.77 9.26 19.54
N LYS B 41 2.70 8.33 19.48
CA LYS B 41 2.37 6.98 19.91
C LYS B 41 3.44 6.58 20.90
N VAL B 42 2.99 6.16 22.07
CA VAL B 42 3.86 5.69 23.13
C VAL B 42 3.64 4.20 23.25
N ILE B 43 4.70 3.43 23.08
CA ILE B 43 4.64 1.97 23.09
C ILE B 43 5.52 1.46 24.22
N ASP B 44 4.92 0.71 25.12
CA ASP B 44 5.63 0.00 26.18
C ASP B 44 5.48 -1.49 25.85
N GLN B 45 6.58 -2.12 25.46
CA GLN B 45 6.56 -3.48 24.95
C GLN B 45 7.51 -4.34 25.76
N ASP B 46 6.98 -5.48 26.24
CA ASP B 46 7.74 -6.51 26.95
C ASP B 46 7.53 -7.79 26.15
N GLY B 47 8.45 -8.08 25.24
CA GLY B 47 8.34 -9.25 24.39
C GLY B 47 7.14 -9.15 23.48
N ASP B 48 6.16 -10.04 23.64
CA ASP B 48 4.93 -10.02 22.87
C ASP B 48 3.79 -9.28 23.56
N ASN B 49 4.03 -8.69 24.72
CA ASN B 49 3.03 -7.89 25.43
C ASN B 49 3.21 -6.40 25.15
N PHE B 50 2.16 -5.78 24.63
CA PHE B 50 2.18 -4.39 24.24
C PHE B 50 1.15 -3.58 25.02
N LYS B 51 1.56 -2.40 25.45
CA LYS B 51 0.65 -1.36 25.93
C LYS B 51 0.92 -0.14 25.06
N THR B 52 -0.10 0.32 24.35
CA THR B 52 0.08 1.41 23.41
C THR B 52 -0.88 2.56 23.71
N LYS B 53 -0.38 3.76 23.50
CA LYS B 53 -1.16 4.98 23.69
C LYS B 53 -0.94 5.85 22.47
N THR B 54 -2.01 6.23 21.79
CA THR B 54 -1.94 7.14 20.66
C THR B 54 -2.62 8.42 21.09
N THR B 55 -1.89 9.53 21.05
CA THR B 55 -2.42 10.74 21.65
C THR B 55 -2.36 11.89 20.66
N SER B 56 -3.21 12.88 20.93
CA SER B 56 -3.29 14.09 20.12
C SER B 56 -3.95 15.14 20.99
N THR B 57 -4.05 16.35 20.43
CA THR B 57 -4.77 17.41 21.14
C THR B 57 -6.29 17.19 21.19
N PHE B 58 -6.85 16.29 20.39
CA PHE B 58 -8.28 16.14 20.18
C PHE B 58 -8.84 14.82 20.67
N ARG B 59 -8.09 13.75 20.54
CA ARG B 59 -8.55 12.45 20.98
C ARG B 59 -7.34 11.67 21.42
N ASN B 60 -7.55 10.73 22.35
CA ASN B 60 -6.49 9.82 22.78
C ASN B 60 -7.08 8.43 22.73
N TYR B 61 -6.22 7.44 22.45
CA TYR B 61 -6.70 6.08 22.30
C TYR B 61 -5.66 5.10 22.78
N ASP B 62 -6.04 4.27 23.73
CA ASP B 62 -5.15 3.27 24.29
C ASP B 62 -5.61 1.89 23.86
N VAL B 63 -4.66 1.03 23.49
CA VAL B 63 -4.98 -0.36 23.23
C VAL B 63 -3.80 -1.22 23.66
N ASP B 64 -4.10 -2.27 24.41
CA ASP B 64 -3.12 -3.18 24.95
C ASP B 64 -3.46 -4.58 24.42
N PHE B 65 -2.43 -5.38 24.17
CA PHE B 65 -2.66 -6.71 23.63
C PHE B 65 -1.41 -7.55 23.81
N THR B 66 -1.60 -8.86 23.75
CA THR B 66 -0.52 -9.82 23.63
C THR B 66 -0.62 -10.43 22.25
N VAL B 67 0.50 -10.46 21.53
CA VAL B 67 0.51 -11.07 20.21
C VAL B 67 0.02 -12.51 20.31
N GLY B 68 -0.91 -12.88 19.42
CA GLY B 68 -1.45 -14.21 19.35
C GLY B 68 -2.68 -14.45 20.20
N VAL B 69 -3.10 -13.47 20.98
CA VAL B 69 -4.22 -13.62 21.90
C VAL B 69 -5.34 -12.70 21.42
N GLU B 70 -6.42 -13.29 20.93
CA GLU B 70 -7.55 -12.50 20.45
C GLU B 70 -8.15 -11.71 21.61
N PHE B 71 -8.59 -10.49 21.32
CA PHE B 71 -9.09 -9.62 22.37
C PHE B 71 -10.22 -8.74 21.85
N ASP B 72 -11.09 -8.33 22.77
CA ASP B 72 -12.13 -7.36 22.47
C ASP B 72 -11.49 -5.99 22.38
N GLU B 73 -11.86 -5.24 21.35
CA GLU B 73 -11.45 -3.86 21.22
C GLU B 73 -12.70 -3.02 20.99
N TYR B 74 -12.88 -1.99 21.80
CA TYR B 74 -13.95 -1.02 21.60
C TYR B 74 -13.27 0.29 21.27
N THR B 75 -13.51 0.81 20.07
CA THR B 75 -12.78 1.99 19.59
C THR B 75 -13.41 3.27 20.12
N LYS B 76 -13.40 3.35 21.45
CA LYS B 76 -14.02 4.45 22.19
C LYS B 76 -13.43 5.79 21.77
N SER B 77 -14.31 6.70 21.38
CA SER B 77 -14.03 8.07 21.00
C SER B 77 -13.54 8.14 19.56
N LEU B 78 -13.32 7.00 18.90
CA LEU B 78 -12.98 6.98 17.47
C LEU B 78 -14.27 6.75 16.69
N ASP B 79 -14.51 5.54 16.18
CA ASP B 79 -15.79 5.19 15.57
C ASP B 79 -16.72 4.45 16.53
N ASN B 80 -16.27 4.17 17.76
CA ASN B 80 -17.14 3.60 18.80
C ASN B 80 -17.79 2.29 18.37
N ARG B 81 -16.96 1.40 17.85
CA ARG B 81 -17.41 0.07 17.45
C ARG B 81 -16.66 -1.00 18.22
N HIS B 82 -17.30 -2.15 18.38
CA HIS B 82 -16.67 -3.31 18.97
C HIS B 82 -16.12 -4.18 17.84
N VAL B 83 -14.86 -4.58 17.97
CA VAL B 83 -14.27 -5.54 17.06
C VAL B 83 -13.58 -6.61 17.88
N LYS B 84 -13.40 -7.78 17.26
CA LYS B 84 -12.57 -8.85 17.80
CA LYS B 84 -12.58 -8.86 17.79
C LYS B 84 -11.23 -8.76 17.09
N ALA B 85 -10.20 -8.37 17.82
CA ALA B 85 -8.90 -8.08 17.23
C ALA B 85 -7.92 -9.22 17.54
N LEU B 86 -7.04 -9.48 16.58
CA LEU B 86 -5.96 -10.43 16.76
C LEU B 86 -4.70 -9.85 16.12
N VAL B 87 -3.63 -9.78 16.89
CA VAL B 87 -2.34 -9.29 16.42
C VAL B 87 -1.40 -10.48 16.27
N THR B 88 -0.69 -10.53 15.15
CA THR B 88 0.29 -11.58 14.89
C THR B 88 1.56 -10.94 14.34
N TRP B 89 2.66 -11.67 14.38
CA TRP B 89 3.88 -11.24 13.70
C TRP B 89 3.95 -11.90 12.33
N GLU B 90 4.26 -11.11 11.32
CA GLU B 90 4.72 -11.62 10.02
C GLU B 90 6.14 -11.10 9.84
N GLY B 91 7.13 -11.95 10.14
CA GLY B 91 8.48 -11.44 10.22
C GLY B 91 8.55 -10.45 11.37
N ASP B 92 9.01 -9.24 11.08
CA ASP B 92 9.06 -8.18 12.08
C ASP B 92 7.95 -7.15 11.86
N VAL B 93 6.91 -7.53 11.12
CA VAL B 93 5.74 -6.69 10.92
C VAL B 93 4.65 -7.15 11.87
N LEU B 94 4.13 -6.23 12.67
CA LEU B 94 3.00 -6.50 13.54
C LEU B 94 1.72 -6.32 12.73
N VAL B 95 0.88 -7.35 12.68
CA VAL B 95 -0.29 -7.40 11.83
C VAL B 95 -1.53 -7.60 12.68
N CYS B 96 -2.49 -6.69 12.55
CA CYS B 96 -3.74 -6.78 13.30
C CYS B 96 -4.92 -6.90 12.34
N VAL B 97 -5.78 -7.88 12.60
CA VAL B 97 -7.06 -8.02 11.93
C VAL B 97 -8.13 -7.67 12.94
N GLN B 98 -9.00 -6.74 12.59
CA GLN B 98 -10.09 -6.29 13.45
C GLN B 98 -11.39 -6.78 12.85
N LYS B 99 -11.86 -7.91 13.37
CA LYS B 99 -13.13 -8.49 12.86
C LYS B 99 -14.37 -7.80 13.48
N GLY B 100 -15.24 -7.40 12.57
CA GLY B 100 -16.45 -6.72 12.96
C GLY B 100 -17.29 -6.25 11.80
N GLU B 101 -17.98 -5.12 11.97
CA GLU B 101 -18.94 -4.71 10.96
C GLU B 101 -18.27 -4.26 9.68
N LYS B 102 -17.09 -3.65 9.76
CA LYS B 102 -16.39 -3.19 8.57
C LYS B 102 -15.55 -4.32 7.99
N GLU B 103 -15.70 -4.54 6.69
CA GLU B 103 -14.88 -5.53 6.02
C GLU B 103 -13.47 -4.98 5.83
N ASN B 104 -12.50 -5.89 5.89
CA ASN B 104 -11.11 -5.57 5.57
C ASN B 104 -10.60 -4.44 6.47
N ARG B 105 -10.77 -4.61 7.77
CA ARG B 105 -10.35 -3.63 8.75
C ARG B 105 -9.16 -4.20 9.52
N GLY B 106 -8.08 -3.45 9.57
CA GLY B 106 -6.91 -3.89 10.32
C GLY B 106 -5.80 -2.89 10.18
N TRP B 107 -4.62 -3.29 10.64
CA TRP B 107 -3.46 -2.42 10.54
C TRP B 107 -2.20 -3.27 10.55
N LYS B 108 -1.12 -2.66 10.10
CA LYS B 108 0.20 -3.28 10.13
C LYS B 108 1.17 -2.21 10.60
N GLN B 109 2.11 -2.60 11.46
CA GLN B 109 3.00 -1.64 12.09
C GLN B 109 4.40 -2.24 12.17
N TRP B 110 5.40 -1.48 11.75
CA TRP B 110 6.76 -1.99 11.79
C TRP B 110 7.78 -0.88 11.97
N ILE B 111 8.97 -1.28 12.42
CA ILE B 111 10.06 -0.36 12.71
C ILE B 111 11.16 -0.52 11.68
N GLU B 112 11.72 0.61 11.25
CA GLU B 112 12.97 0.57 10.50
C GLU B 112 13.79 1.78 10.88
N GLY B 113 14.97 1.55 11.44
CA GLY B 113 15.77 2.67 11.92
C GLY B 113 15.08 3.36 13.07
N ASP B 114 15.01 4.68 13.02
CA ASP B 114 14.29 5.40 14.07
C ASP B 114 12.90 5.81 13.61
N LYS B 115 12.32 5.08 12.66
CA LYS B 115 10.99 5.37 12.17
C LYS B 115 10.04 4.21 12.42
N LEU B 116 8.79 4.53 12.73
CA LEU B 116 7.71 3.58 12.87
C LEU B 116 6.72 3.85 11.73
N TYR B 117 6.36 2.79 11.02
CA TYR B 117 5.43 2.83 9.91
C TYR B 117 4.15 2.17 10.35
N LEU B 118 3.02 2.82 10.09
CA LEU B 118 1.72 2.26 10.42
C LEU B 118 0.84 2.37 9.19
N GLU B 119 0.28 1.25 8.79
CA GLU B 119 -0.64 1.13 7.66
C GLU B 119 -2.01 0.79 8.23
N LEU B 120 -2.95 1.71 8.12
CA LEU B 120 -4.31 1.53 8.65
C LEU B 120 -5.24 1.27 7.48
N THR B 121 -5.99 0.18 7.55
CA THR B 121 -6.85 -0.25 6.46
C THR B 121 -8.29 -0.36 6.91
N CYS B 122 -9.20 0.19 6.12
CA CYS B 122 -10.61 -0.09 6.28
C CYS B 122 -11.25 -0.12 4.90
N GLY B 123 -11.77 -1.28 4.52
CA GLY B 123 -12.40 -1.37 3.22
C GLY B 123 -11.41 -1.08 2.10
N ASP B 124 -11.79 -0.15 1.20
CA ASP B 124 -10.92 0.19 0.08
C ASP B 124 -10.04 1.39 0.38
N GLN B 125 -9.89 1.76 1.64
CA GLN B 125 -9.09 2.92 2.00
C GLN B 125 -7.95 2.52 2.92
N VAL B 126 -6.75 2.91 2.57
CA VAL B 126 -5.55 2.66 3.35
C VAL B 126 -4.88 3.98 3.66
N CYS B 127 -4.50 4.15 4.93
CA CYS B 127 -3.75 5.30 5.38
C CYS B 127 -2.36 4.86 5.74
N ARG B 128 -1.36 5.64 5.35
CA ARG B 128 0.03 5.37 5.72
C ARG B 128 0.52 6.48 6.62
N GLN B 129 1.02 6.11 7.79
CA GLN B 129 1.58 7.06 8.75
C GLN B 129 3.03 6.69 8.98
N VAL B 130 3.85 7.71 9.17
CA VAL B 130 5.24 7.53 9.55
C VAL B 130 5.48 8.36 10.80
N PHE B 131 6.15 7.79 11.79
CA PHE B 131 6.48 8.46 13.03
C PHE B 131 7.99 8.39 13.23
N LYS B 132 8.55 9.42 13.82
CA LYS B 132 9.97 9.45 14.16
C LYS B 132 10.16 9.25 15.65
N LYS B 133 11.15 8.43 16.04
CA LYS B 133 11.39 8.21 17.45
C LYS B 133 11.86 9.50 18.13
N LYS B 134 11.24 9.83 19.25
CA LYS B 134 11.64 10.97 20.06
C LYS B 134 12.68 10.56 21.11
N LEU B 135 13.67 11.42 21.30
CA LEU B 135 14.65 11.21 22.36
C LEU B 135 14.05 11.65 23.69
N VAL B 136 13.81 10.69 24.58
CA VAL B 136 13.17 10.97 25.86
C VAL B 136 14.01 10.33 26.95
N PRO B 137 13.87 10.81 28.19
CA PRO B 137 14.63 10.27 29.32
C PRO B 137 14.08 8.92 29.81
C01 1AG C . 0.54 -2.63 -13.78
O01 1AG C . 1.01 -3.00 -15.03
C02 1AG C . 1.11 -3.38 -12.59
C03 1AG C . 1.22 -4.85 -12.96
O03 1AG C . -0.26 -1.77 -13.67
C04 1AG C . 1.80 -5.63 -11.78
C05 1AG C . 3.24 -5.14 -11.58
C06 1AG C . 3.76 -4.80 -10.41
C07 1AG C . 3.02 -4.86 -9.07
C08 1AG C . 2.76 -3.46 -8.52
C09 1AG C . 3.03 -3.06 -7.27
C10 1AG C . 3.68 -3.94 -6.19
C11 1AG C . 2.77 -4.07 -4.97
C12 1AG C . 2.62 -5.19 -4.27
C13 1AG C . 3.31 -6.50 -4.61
C14 1AG C . 2.33 -7.66 -4.38
C15 1AG C . 2.20 -8.69 -5.21
C16 1AG C . 2.93 -8.85 -6.55
C17 1AG C . 1.81 -9.08 -7.59
C18 1AG C . 2.37 -9.00 -8.99
C19 1AG C . 1.41 -9.66 -9.97
C20 1AG C . 0.14 -8.82 -10.12
C21 1AG C . 1.19 -1.98 -15.96
C22 1AG C . 0.57 -2.48 -17.24
C23 1AG C . -0.90 -2.74 -16.96
O26 1AG C . 1.12 -3.71 -17.69
O27 1AG C . -1.50 -2.71 -18.22
H02 1AG C . 2.09 -2.99 -12.33
H02A 1AG C . 0.44 -3.27 -11.73
H03 1AG C . 0.23 -5.25 -13.20
H03A 1AG C . 1.87 -4.96 -13.83
H04 1AG C . 1.22 -5.43 -10.89
H04A 1AG C . 1.80 -6.69 -11.99
H05 1AG C . 3.87 -5.08 -12.46
H06 1AG C . 4.79 -4.46 -10.41
H07 1AG C . 2.08 -5.37 -9.20
H07A 1AG C . 3.63 -5.41 -8.36
H08 1AG C . 2.32 -2.74 -9.19
H09 1AG C . 2.76 -2.04 -7.01
H10 1AG C . 3.87 -4.92 -6.61
H10A 1AG C . 4.61 -3.48 -5.89
H11 1AG C . 2.23 -3.20 -4.65
H12 1AG C . 1.95 -5.16 -3.42
H13 1AG C . 4.17 -6.62 -3.96
H13A 1AG C . 3.63 -6.49 -5.64
H14 1AG C . 1.72 -7.64 -3.49
H15 1AG C . 1.51 -9.47 -4.92
H16 1AG C . 3.49 -7.95 -6.78
H16A 1AG C . 3.61 -9.70 -6.51
H17 1AG C . 1.04 -8.32 -7.47
H17A 1AG C . 1.37 -10.06 -7.43
H18 1AG C . 3.33 -9.51 -9.03
H18A 1AG C . 2.52 -7.96 -9.27
H19 1AG C . 1.89 -9.75 -10.94
H19A 1AG C . 1.15 -10.65 -9.60
H20 1AG C . 0.40 -7.82 -10.42
H20A 1AG C . -0.50 -9.27 -10.88
H20B 1AG C . -0.39 -8.80 -9.17
H21 1AG C . 2.25 -1.80 -16.10
H21A 1AG C . 0.71 -1.07 -15.63
H22 1AG C . 0.75 -1.73 -18.01
H23 1AG C . -1.03 -3.71 -16.50
HO26 1AG C . 1.14 -3.71 -18.63
H37 1AG C . -2.44 -2.76 -18.13
H38 1AG C . -1.31 -1.97 -16.32
C01 1AG D . -4.38 2.11 16.52
O01 1AG D . -3.10 1.94 16.00
C02 1AG D . -4.74 3.52 16.97
C03 1AG D . -5.60 4.13 15.90
O03 1AG D . -5.16 1.20 16.63
C04 1AG D . -5.47 5.67 16.01
C05 1AG D . -5.55 6.19 14.59
C06 1AG D . -6.70 6.51 14.04
C07 1AG D . -8.03 6.41 14.78
C08 1AG D . -9.18 6.04 13.86
C09 1AG D . -10.07 6.90 13.39
C10 1AG D . -10.05 8.41 13.65
C11 1AG D . -11.27 8.86 14.46
C12 1AG D . -11.43 10.12 14.86
C13 1AG D . -10.42 11.20 14.51
C14 1AG D . -10.01 12.02 15.72
C15 1AG D . -8.76 12.36 16.01
C16 1AG D . -7.51 11.98 15.20
C17 1AG D . -6.38 11.61 16.16
C18 1AG D . -6.70 10.26 16.78
C19 1AG D . -5.66 9.94 17.85
C20 1AG D . -6.14 8.69 18.60
C21 1AG D . -2.56 0.66 16.27
C22 1AG D . -1.88 0.76 17.63
C23 1AG D . -0.47 1.29 17.39
O26 1AG D . -1.71 -0.42 18.38
O27 1AG D . -0.45 1.97 16.21
H02 1AG D . -3.85 4.10 17.11
H02A 1AG D . -5.29 3.47 17.91
H03 1AG D . -5.26 3.81 14.92
H03A 1AG D . -6.63 3.84 16.05
H04 1AG D . -4.51 5.92 16.45
H04A 1AG D . -6.27 6.07 16.62
H05 1AG D . -4.65 6.30 14.01
H06 1AG D . -6.71 6.88 13.02
H07 1AG D . -8.25 7.37 15.24
H07A 1AG D . -7.94 5.65 15.54
H08 1AG D . -9.29 5.00 13.57
H09 1AG D . -10.88 6.52 12.76
H10 1AG D . -9.16 8.66 14.21
H10A 1AG D . -10.06 8.93 12.70
H11 1AG D . -12.04 8.13 14.71
H12 1AG D . -12.29 10.37 15.46
H13 1AG D . -10.87 11.85 13.77
H13A 1AG D . -9.54 10.72 14.09
H14 1AG D . -10.79 12.35 16.40
H15 1AG D . -8.61 12.97 16.90
H16 1AG D . -7.21 12.81 14.59
H16A 1AG D . -7.75 11.13 14.56
H17 1AG D . -5.45 11.55 15.61
H17A 1AG D . -6.29 12.36 16.94
H18 1AG D . -6.68 9.49 16.02
H18A 1AG D . -7.68 10.29 17.24
H19 1AG D . -5.57 10.77 18.54
H19A 1AG D . -4.70 9.74 17.38
H20 1AG D . -6.40 7.93 17.88
H20A 1AG D . -5.33 8.32 19.23
H20B 1AG D . -6.99 8.94 19.20
H21 1AG D . -3.33 -0.09 16.28
H21A 1AG D . -1.82 0.41 15.51
H22 1AG D . -2.56 1.37 18.22
H23 1AG D . 0.23 0.46 17.35
HO26 1AG D . -1.74 -0.20 19.31
H37 1AG D . 0.43 2.18 15.95
H38 1AG D . -0.20 1.96 18.20
#